data_2O4U
#
_entry.id   2O4U
#
_cell.length_a   123.177
_cell.length_b   123.177
_cell.length_c   121.127
_cell.angle_alpha   90.00
_cell.angle_beta   90.00
_cell.angle_gamma   120.00
#
_symmetry.space_group_name_H-M   'P 61 2 2'
#
loop_
_entity.id
_entity.type
_entity.pdbx_description
1 polymer 'Dimeric dihydrodiol dehydrogenase'
2 non-polymer 'PHOSPHATE ION'
3 non-polymer BETA-MERCAPTOETHANOL
4 non-polymer GLYCEROL
5 water water
#
_entity_poly.entity_id   1
_entity_poly.type   'polypeptide(L)'
_entity_poly.pdbx_seq_one_letter_code
;MALRWGIVSVGLISSDFTAVLQTLPRSEHQVVAVAARDLSRAKEFAQKHDIPKAYGSYEELAKDPNVEVAYVGTQHPQHK
AAVMLCLAAGKAVLCEKPMGVNAAEVREMVTEARSRGLFLMEAIWTRFFPASEALRSVLAQGTLGDLRVARAEFGKNLTH
VPRAVDWAQAGGALLDLGIYCVQFISMVFGGQKPEKISVMGRRHETGVDDTVTVLLQYPGEVHGSFTCSITAQLSNTASV
SGTKGMAQLLNPCWCPTELVVKGEHKEFLLPPVPKNCNFDNGAGMSYEAKHVRECLRKGLKESPVIPLVESELLADILEE
VRRAIGVTFPQDKH
;
_entity_poly.pdbx_strand_id   X
#
# COMPACT_ATOMS: atom_id res chain seq x y z
N ALA A 2 -14.04 -19.15 9.06
CA ALA A 2 -13.87 -17.82 8.44
C ALA A 2 -12.57 -17.21 8.96
N LEU A 3 -11.98 -16.31 8.17
CA LEU A 3 -10.81 -15.57 8.61
C LEU A 3 -11.28 -14.46 9.55
N ARG A 4 -10.77 -14.47 10.78
CA ARG A 4 -11.20 -13.51 11.80
C ARG A 4 -10.27 -12.28 11.93
N TRP A 5 -10.80 -11.12 11.56
CA TRP A 5 -10.03 -9.88 11.47
C TRP A 5 -10.18 -9.02 12.72
N GLY A 6 -9.07 -8.46 13.18
CA GLY A 6 -9.08 -7.41 14.18
C GLY A 6 -8.64 -6.09 13.52
N ILE A 7 -9.37 -5.02 13.79
CA ILE A 7 -9.11 -3.72 13.17
C ILE A 7 -8.38 -2.81 14.16
N VAL A 8 -7.18 -2.37 13.79
CA VAL A 8 -6.36 -1.46 14.61
C VAL A 8 -6.46 -0.02 14.05
N SER A 9 -6.99 0.87 14.91
CA SER A 9 -7.36 2.28 14.63
C SER A 9 -8.71 2.41 13.95
N VAL A 10 -9.33 3.57 14.16
CA VAL A 10 -10.72 3.79 13.76
C VAL A 10 -10.85 5.00 12.82
N GLY A 11 -9.74 5.34 12.15
CA GLY A 11 -9.73 6.44 11.18
C GLY A 11 -10.34 6.10 9.83
N LEU A 12 -10.10 6.96 8.84
CA LEU A 12 -10.80 6.88 7.55
C LEU A 12 -10.52 5.59 6.78
N ILE A 13 -9.25 5.17 6.76
CA ILE A 13 -8.87 3.98 6.01
C ILE A 13 -9.40 2.70 6.68
N SER A 14 -9.38 2.65 8.01
CA SER A 14 -9.94 1.52 8.74
C SER A 14 -11.47 1.42 8.52
N SER A 15 -12.14 2.58 8.42
CA SER A 15 -13.56 2.62 8.12
C SER A 15 -13.84 1.98 6.78
N ASP A 16 -13.08 2.38 5.74
CA ASP A 16 -13.21 1.82 4.40
C ASP A 16 -12.94 0.32 4.42
N PHE A 17 -11.81 -0.08 5.02
CA PHE A 17 -11.45 -1.50 5.00
C PHE A 17 -12.51 -2.37 5.71
N THR A 18 -12.98 -1.90 6.86
CA THR A 18 -14.04 -2.60 7.62
C THR A 18 -15.33 -2.71 6.78
N ALA A 19 -15.76 -1.60 6.17
CA ALA A 19 -16.91 -1.60 5.26
C ALA A 19 -16.78 -2.64 4.16
N VAL A 20 -15.58 -2.71 3.56
CA VAL A 20 -15.30 -3.70 2.54
C VAL A 20 -15.39 -5.15 3.05
N LEU A 21 -14.74 -5.40 4.18
CA LEU A 21 -14.73 -6.76 4.76
C LEU A 21 -16.17 -7.24 5.02
N GLN A 22 -17.03 -6.31 5.40
CA GLN A 22 -18.43 -6.62 5.75
C GLN A 22 -19.33 -6.77 4.53
N THR A 23 -18.77 -6.68 3.32
CA THR A 23 -19.48 -7.05 2.10
C THR A 23 -19.10 -8.45 1.65
N LEU A 24 -18.09 -9.05 2.29
CA LEU A 24 -17.55 -10.33 1.81
C LEU A 24 -18.30 -11.56 2.37
N PRO A 25 -18.15 -12.74 1.71
CA PRO A 25 -18.91 -13.89 2.21
C PRO A 25 -18.65 -14.17 3.69
N ARG A 26 -19.73 -14.32 4.43
CA ARG A 26 -19.70 -14.46 5.86
C ARG A 26 -18.98 -15.74 6.32
N SER A 27 -18.89 -16.70 5.42
CA SER A 27 -18.19 -17.94 5.71
C SER A 27 -16.66 -17.77 5.51
N GLU A 28 -16.28 -16.63 4.93
CA GLU A 28 -14.87 -16.38 4.56
C GLU A 28 -14.17 -15.35 5.44
N HIS A 29 -14.86 -14.26 5.79
CA HIS A 29 -14.29 -13.19 6.60
C HIS A 29 -15.24 -12.77 7.70
N GLN A 30 -14.71 -12.55 8.89
CA GLN A 30 -15.48 -11.99 10.00
C GLN A 30 -14.64 -10.92 10.71
N VAL A 31 -15.24 -9.76 10.98
CA VAL A 31 -14.58 -8.71 11.74
C VAL A 31 -14.96 -8.87 13.22
N VAL A 32 -14.02 -9.32 14.04
CA VAL A 32 -14.34 -9.76 15.39
C VAL A 32 -13.97 -8.76 16.48
N ALA A 33 -13.14 -7.78 16.14
CA ALA A 33 -12.61 -6.85 17.16
C ALA A 33 -12.09 -5.59 16.53
N VAL A 34 -12.15 -4.51 17.30
CA VAL A 34 -11.59 -3.22 16.88
C VAL A 34 -10.91 -2.57 18.08
N ALA A 35 -9.80 -1.90 17.83
CA ALA A 35 -9.10 -1.15 18.86
C ALA A 35 -8.84 0.30 18.42
N ALA A 36 -8.93 1.21 19.39
CA ALA A 36 -8.58 2.61 19.19
C ALA A 36 -7.71 3.00 20.37
N ARG A 37 -7.19 4.22 20.37
CA ARG A 37 -6.41 4.66 21.52
C ARG A 37 -7.26 5.12 22.72
N ASP A 38 -8.59 5.07 22.57
CA ASP A 38 -9.50 5.12 23.73
C ASP A 38 -10.78 4.32 23.50
N LEU A 39 -11.37 3.83 24.60
CA LEU A 39 -12.54 2.97 24.55
C LEU A 39 -13.74 3.59 23.83
N SER A 40 -13.98 4.88 24.10
CA SER A 40 -15.11 5.61 23.53
C SER A 40 -15.13 5.58 21.99
N ARG A 41 -14.01 6.01 21.39
CA ARG A 41 -13.82 5.94 19.94
C ARG A 41 -14.01 4.54 19.38
N ALA A 42 -13.49 3.54 20.09
CA ALA A 42 -13.59 2.13 19.67
C ALA A 42 -15.02 1.62 19.72
N LYS A 43 -15.70 1.86 20.83
CA LYS A 43 -17.11 1.45 21.00
C LYS A 43 -18.02 2.03 19.93
N GLU A 44 -17.83 3.29 19.60
CA GLU A 44 -18.60 3.99 18.57
C GLU A 44 -18.40 3.38 17.18
N PHE A 45 -17.13 3.11 16.84
CA PHE A 45 -16.80 2.42 15.60
C PHE A 45 -17.41 1.02 15.59
N ALA A 46 -17.26 0.29 16.69
CA ALA A 46 -17.79 -1.06 16.80
C ALA A 46 -19.32 -1.07 16.66
N GLN A 47 -19.98 -0.02 17.17
CA GLN A 47 -21.43 0.11 17.01
C GLN A 47 -21.81 0.43 15.56
N LYS A 48 -21.18 1.44 14.97
CA LYS A 48 -21.44 1.81 13.57
C LYS A 48 -21.21 0.66 12.60
N HIS A 49 -20.16 -0.12 12.84
CA HIS A 49 -19.74 -1.15 11.88
C HIS A 49 -20.10 -2.56 12.32
N ASP A 50 -20.80 -2.68 13.45
CA ASP A 50 -21.36 -3.93 13.90
C ASP A 50 -20.29 -4.98 14.24
N ILE A 51 -19.38 -4.62 15.15
CA ILE A 51 -18.27 -5.47 15.55
C ILE A 51 -18.49 -5.84 17.00
N PRO A 52 -18.51 -7.14 17.32
CA PRO A 52 -18.85 -7.58 18.68
C PRO A 52 -17.93 -7.13 19.81
N LYS A 53 -16.65 -6.88 19.53
CA LYS A 53 -15.72 -6.51 20.60
C LYS A 53 -14.93 -5.22 20.30
N ALA A 54 -14.84 -4.33 21.30
CA ALA A 54 -14.10 -3.08 21.19
C ALA A 54 -13.08 -2.97 22.31
N TYR A 55 -11.91 -2.40 22.00
CA TYR A 55 -10.84 -2.24 22.96
C TYR A 55 -10.29 -0.82 22.93
N GLY A 56 -9.82 -0.35 24.08
CA GLY A 56 -9.24 0.99 24.22
C GLY A 56 -7.73 1.04 24.12
N SER A 57 -7.10 -0.08 23.75
CA SER A 57 -5.68 -0.07 23.40
C SER A 57 -5.42 -1.13 22.34
N TYR A 58 -4.33 -0.98 21.60
CA TYR A 58 -3.98 -1.94 20.56
C TYR A 58 -3.49 -3.26 21.17
N GLU A 59 -2.77 -3.16 22.29
CA GLU A 59 -2.25 -4.34 22.98
C GLU A 59 -3.37 -5.32 23.35
N GLU A 60 -4.50 -4.77 23.79
CA GLU A 60 -5.69 -5.59 24.08
C GLU A 60 -6.21 -6.39 22.90
N LEU A 61 -6.22 -5.77 21.72
CA LEU A 61 -6.61 -6.50 20.49
C LEU A 61 -5.57 -7.54 20.11
N ALA A 62 -4.28 -7.18 20.20
CA ALA A 62 -3.20 -8.13 19.93
C ALA A 62 -3.37 -9.39 20.77
N LYS A 63 -3.81 -9.20 22.01
CA LYS A 63 -3.95 -10.29 22.98
C LYS A 63 -5.27 -11.06 22.89
N ASP A 64 -6.22 -10.56 22.09
CA ASP A 64 -7.48 -11.26 21.87
C ASP A 64 -7.26 -12.59 21.16
N PRO A 65 -7.56 -13.73 21.83
CA PRO A 65 -7.35 -15.05 21.20
C PRO A 65 -8.24 -15.33 19.98
N ASN A 66 -9.33 -14.59 19.84
CA ASN A 66 -10.22 -14.79 18.71
C ASN A 66 -9.75 -14.13 17.39
N VAL A 67 -8.78 -13.22 17.49
CA VAL A 67 -8.30 -12.48 16.30
C VAL A 67 -7.20 -13.33 15.63
N GLU A 68 -7.34 -13.62 14.34
CA GLU A 68 -6.31 -14.34 13.59
C GLU A 68 -5.35 -13.39 12.83
N VAL A 69 -5.93 -12.34 12.25
CA VAL A 69 -5.17 -11.36 11.47
C VAL A 69 -5.55 -9.93 11.91
N ALA A 70 -4.52 -9.11 12.12
CA ALA A 70 -4.74 -7.72 12.46
C ALA A 70 -4.50 -6.85 11.22
N TYR A 71 -5.44 -5.94 10.97
CA TYR A 71 -5.27 -4.87 9.99
C TYR A 71 -4.80 -3.62 10.70
N VAL A 72 -3.63 -3.13 10.31
CA VAL A 72 -3.04 -1.96 10.99
C VAL A 72 -3.27 -0.76 10.08
N GLY A 73 -4.24 0.09 10.46
CA GLY A 73 -4.62 1.27 9.67
C GLY A 73 -4.25 2.60 10.31
N THR A 74 -3.24 2.60 11.19
CA THR A 74 -2.85 3.84 11.89
C THR A 74 -2.16 4.83 10.93
N GLN A 75 -1.92 6.06 11.40
CA GLN A 75 -1.10 7.00 10.63
C GLN A 75 0.33 6.45 10.46
N HIS A 76 1.06 6.99 9.48
CA HIS A 76 2.38 6.42 9.09
C HIS A 76 3.34 6.10 10.24
N PRO A 77 3.61 7.09 11.13
CA PRO A 77 4.62 6.83 12.17
C PRO A 77 4.20 5.77 13.21
N GLN A 78 2.89 5.50 13.30
CA GLN A 78 2.33 4.57 14.27
C GLN A 78 2.22 3.12 13.78
N HIS A 79 2.52 2.88 12.50
CA HIS A 79 2.49 1.51 11.98
C HIS A 79 3.42 0.58 12.77
N LYS A 80 4.68 0.98 12.95
CA LYS A 80 5.70 0.02 13.42
C LYS A 80 5.38 -0.60 14.77
N ALA A 81 5.07 0.24 15.76
CA ALA A 81 4.79 -0.24 17.10
C ALA A 81 3.57 -1.14 17.10
N ALA A 82 2.53 -0.78 16.34
CA ALA A 82 1.28 -1.59 16.29
C ALA A 82 1.51 -2.94 15.62
N VAL A 83 2.24 -2.96 14.50
CA VAL A 83 2.66 -4.21 13.85
C VAL A 83 3.47 -5.09 14.83
N MET A 84 4.47 -4.48 15.48
CA MET A 84 5.34 -5.22 16.39
C MET A 84 4.57 -5.86 17.55
N LEU A 85 3.61 -5.12 18.12
CA LEU A 85 2.67 -5.63 19.13
C LEU A 85 1.89 -6.88 18.66
N CYS A 86 1.30 -6.76 17.47
CA CYS A 86 0.49 -7.84 16.91
C CYS A 86 1.29 -9.10 16.62
N LEU A 87 2.48 -8.94 16.01
CA LEU A 87 3.37 -10.06 15.71
C LEU A 87 3.87 -10.74 17.00
N ALA A 88 4.26 -9.93 17.98
CA ALA A 88 4.72 -10.46 19.28
C ALA A 88 3.63 -11.32 19.94
N ALA A 89 2.38 -10.98 19.67
CA ALA A 89 1.24 -11.72 20.23
C ALA A 89 0.74 -12.86 19.33
N GLY A 90 1.45 -13.13 18.23
CA GLY A 90 1.13 -14.28 17.37
C GLY A 90 0.07 -14.07 16.29
N LYS A 91 -0.18 -12.82 15.91
CA LYS A 91 -1.17 -12.51 14.89
C LYS A 91 -0.48 -12.39 13.52
N ALA A 92 -1.16 -12.81 12.46
CA ALA A 92 -0.78 -12.40 11.12
C ALA A 92 -1.11 -10.91 11.02
N VAL A 93 -0.42 -10.19 10.15
CA VAL A 93 -0.64 -8.73 10.04
C VAL A 93 -0.73 -8.28 8.58
N LEU A 94 -1.75 -7.47 8.27
CA LEU A 94 -1.83 -6.71 7.02
C LEU A 94 -1.64 -5.24 7.43
N CYS A 95 -0.53 -4.64 6.99
CA CYS A 95 -0.16 -3.31 7.47
C CYS A 95 -0.34 -2.34 6.33
N GLU A 96 -1.00 -1.21 6.60
CA GLU A 96 -1.18 -0.18 5.60
C GLU A 96 0.17 0.38 5.09
N LYS A 97 0.12 0.95 3.88
CA LYS A 97 1.27 1.49 3.15
C LYS A 97 1.53 2.93 3.60
N PRO A 98 2.80 3.39 3.55
CA PRO A 98 4.01 2.59 3.40
C PRO A 98 4.13 1.83 4.73
N MET A 99 4.65 0.61 4.72
CA MET A 99 4.65 -0.19 5.93
C MET A 99 5.34 0.54 7.09
N GLY A 100 6.52 1.09 6.83
CA GLY A 100 7.23 1.94 7.82
C GLY A 100 7.64 3.26 7.19
N VAL A 101 8.10 4.21 8.02
CA VAL A 101 8.52 5.52 7.51
C VAL A 101 9.95 5.53 6.95
N ASN A 102 10.74 4.50 7.26
CA ASN A 102 12.05 4.37 6.66
C ASN A 102 12.44 2.90 6.51
N ALA A 103 13.59 2.62 5.88
CA ALA A 103 13.98 1.23 5.59
C ALA A 103 14.21 0.42 6.88
N ALA A 104 14.75 1.08 7.90
CA ALA A 104 15.04 0.38 9.17
C ALA A 104 13.74 -0.14 9.85
N GLU A 105 12.68 0.67 9.85
CA GLU A 105 11.40 0.22 10.41
C GLU A 105 10.89 -1.04 9.69
N VAL A 106 10.89 -1.00 8.36
CA VAL A 106 10.44 -2.15 7.57
C VAL A 106 11.32 -3.38 7.85
N ARG A 107 12.64 -3.20 7.88
CA ARG A 107 13.51 -4.35 8.22
C ARG A 107 13.18 -4.95 9.58
N GLU A 108 12.90 -4.11 10.57
CA GLU A 108 12.55 -4.57 11.91
C GLU A 108 11.25 -5.39 11.96
N MET A 109 10.20 -4.90 11.29
CA MET A 109 8.92 -5.61 11.19
C MET A 109 9.08 -6.95 10.45
N VAL A 110 9.81 -6.93 9.34
CA VAL A 110 10.05 -8.12 8.52
C VAL A 110 10.84 -9.17 9.34
N THR A 111 11.90 -8.74 10.01
CA THR A 111 12.69 -9.65 10.83
C THR A 111 11.84 -10.28 11.91
N GLU A 112 10.97 -9.49 12.53
CA GLU A 112 10.10 -10.01 13.56
C GLU A 112 9.12 -11.05 13.00
N ALA A 113 8.48 -10.75 11.88
CA ALA A 113 7.53 -11.69 11.27
C ALA A 113 8.22 -13.01 10.89
N ARG A 114 9.39 -12.90 10.28
CA ARG A 114 10.16 -14.08 9.88
C ARG A 114 10.59 -14.95 11.06
N SER A 115 11.01 -14.31 12.15
CA SER A 115 11.54 -15.03 13.31
C SER A 115 10.44 -15.78 14.07
N ARG A 116 9.21 -15.26 13.99
CA ARG A 116 8.02 -15.84 14.62
C ARG A 116 7.19 -16.73 13.69
N GLY A 117 7.58 -16.81 12.43
CA GLY A 117 6.86 -17.61 11.41
C GLY A 117 5.43 -17.13 11.22
N LEU A 118 5.26 -15.81 11.09
CA LEU A 118 3.91 -15.21 10.98
C LEU A 118 3.79 -14.44 9.68
N PHE A 119 2.59 -14.50 9.09
CA PHE A 119 2.28 -13.76 7.88
C PHE A 119 2.33 -12.24 8.15
N LEU A 120 2.99 -11.54 7.24
CA LEU A 120 3.03 -10.08 7.19
C LEU A 120 2.94 -9.68 5.73
N MET A 121 2.12 -8.67 5.45
CA MET A 121 2.02 -8.08 4.11
C MET A 121 1.77 -6.60 4.19
N GLU A 122 2.42 -5.86 3.31
CA GLU A 122 2.17 -4.44 3.16
C GLU A 122 0.95 -4.32 2.25
N ALA A 123 -0.02 -3.51 2.67
CA ALA A 123 -1.30 -3.42 1.96
C ALA A 123 -1.21 -2.55 0.71
N ILE A 124 -0.43 -3.00 -0.27
CA ILE A 124 -0.29 -2.25 -1.51
C ILE A 124 -1.44 -2.70 -2.41
N TRP A 125 -2.62 -2.12 -2.18
CA TRP A 125 -3.87 -2.69 -2.70
C TRP A 125 -3.91 -2.69 -4.22
N THR A 126 -3.24 -1.72 -4.82
CA THR A 126 -3.12 -1.55 -6.29
C THR A 126 -2.74 -2.86 -6.98
N ARG A 127 -1.83 -3.63 -6.35
CA ARG A 127 -1.31 -4.84 -7.00
C ARG A 127 -2.37 -5.93 -7.24
N PHE A 128 -3.48 -5.87 -6.50
CA PHE A 128 -4.49 -6.93 -6.55
C PHE A 128 -5.67 -6.59 -7.45
N PHE A 129 -5.70 -5.37 -7.97
CA PHE A 129 -6.76 -5.01 -8.91
C PHE A 129 -6.61 -5.88 -10.15
N PRO A 130 -7.75 -6.39 -10.67
CA PRO A 130 -7.76 -7.15 -11.92
C PRO A 130 -6.99 -6.43 -13.05
N ALA A 131 -7.11 -5.10 -13.15
CA ALA A 131 -6.32 -4.37 -14.15
C ALA A 131 -4.79 -4.54 -13.98
N SER A 132 -4.30 -4.52 -12.73
CA SER A 132 -2.87 -4.72 -12.48
C SER A 132 -2.46 -6.17 -12.75
N GLU A 133 -3.31 -7.12 -12.41
CA GLU A 133 -3.00 -8.54 -12.67
C GLU A 133 -2.96 -8.79 -14.17
N ALA A 134 -3.88 -8.16 -14.91
CA ALA A 134 -3.91 -8.26 -16.37
C ALA A 134 -2.63 -7.69 -16.98
N LEU A 135 -2.15 -6.55 -16.45
CA LEU A 135 -0.88 -6.00 -16.90
C LEU A 135 0.28 -6.97 -16.65
N ARG A 136 0.34 -7.59 -15.48
CA ARG A 136 1.38 -8.59 -15.21
C ARG A 136 1.36 -9.76 -16.21
N SER A 137 0.15 -10.19 -16.57
CA SER A 137 -0.01 -11.24 -17.60
C SER A 137 0.51 -10.79 -18.98
N VAL A 138 0.21 -9.54 -19.34
CA VAL A 138 0.70 -8.93 -20.59
C VAL A 138 2.22 -9.01 -20.63
N LEU A 139 2.85 -8.66 -19.50
CA LEU A 139 4.30 -8.69 -19.38
C LEU A 139 4.85 -10.13 -19.47
N ALA A 140 4.23 -11.06 -18.76
CA ALA A 140 4.65 -12.47 -18.78
C ALA A 140 4.56 -13.06 -20.20
N GLN A 141 3.53 -12.66 -20.95
CA GLN A 141 3.35 -13.15 -22.32
C GLN A 141 4.28 -12.52 -23.35
N GLY A 142 5.00 -11.47 -23.00
CA GLY A 142 5.94 -10.80 -23.92
C GLY A 142 5.26 -9.94 -24.99
N THR A 143 3.99 -9.63 -24.79
CA THR A 143 3.17 -8.87 -25.75
C THR A 143 3.78 -7.50 -26.17
N LEU A 144 4.54 -6.88 -25.27
CA LEU A 144 5.10 -5.55 -25.54
C LEU A 144 6.47 -5.66 -26.16
N GLY A 145 6.93 -6.88 -26.43
CA GLY A 145 8.30 -7.08 -26.92
C GLY A 145 9.33 -6.93 -25.80
N ASP A 146 10.57 -6.68 -26.18
CA ASP A 146 11.62 -6.45 -25.20
C ASP A 146 11.36 -5.10 -24.55
N LEU A 147 11.33 -5.07 -23.23
CA LEU A 147 10.98 -3.79 -22.54
C LEU A 147 12.04 -2.72 -22.76
N ARG A 148 11.60 -1.48 -22.61
CA ARG A 148 12.45 -0.34 -22.72
C ARG A 148 12.37 0.63 -21.54
N VAL A 149 11.16 1.02 -21.16
CA VAL A 149 10.97 2.04 -20.15
C VAL A 149 9.58 1.99 -19.50
N ALA A 150 9.52 2.36 -18.24
CA ALA A 150 8.31 2.47 -17.47
C ALA A 150 8.19 3.90 -16.94
N ARG A 151 6.97 4.34 -16.72
CA ARG A 151 6.69 5.70 -16.26
C ARG A 151 5.43 5.69 -15.38
N ALA A 152 5.45 6.44 -14.27
CA ALA A 152 4.26 6.59 -13.43
C ALA A 152 4.22 8.00 -12.88
N GLU A 153 3.02 8.49 -12.61
CA GLU A 153 2.85 9.81 -11.99
C GLU A 153 1.71 9.74 -11.01
N PHE A 154 1.83 10.43 -9.88
CA PHE A 154 0.67 10.58 -8.99
C PHE A 154 0.86 11.94 -8.33
N GLY A 155 0.05 12.90 -8.76
CA GLY A 155 0.10 14.27 -8.22
C GLY A 155 -1.30 14.81 -8.10
N LYS A 156 -1.59 15.43 -6.95
CA LYS A 156 -2.87 16.10 -6.68
C LYS A 156 -2.54 17.20 -5.69
N ASN A 157 -3.30 18.30 -5.71
CA ASN A 157 -3.16 19.27 -4.64
C ASN A 157 -3.78 18.75 -3.33
N LEU A 158 -2.93 18.32 -2.40
CA LEU A 158 -3.39 17.81 -1.11
C LEU A 158 -3.07 18.76 0.05
N THR A 159 -2.85 20.03 -0.28
CA THR A 159 -2.43 21.00 0.73
C THR A 159 -3.51 21.27 1.79
N HIS A 160 -4.75 20.93 1.47
CA HIS A 160 -5.88 21.12 2.41
C HIS A 160 -6.28 19.83 3.12
N VAL A 161 -5.43 18.80 3.01
CA VAL A 161 -5.57 17.55 3.76
C VAL A 161 -4.43 17.55 4.78
N PRO A 162 -4.72 17.94 6.04
CA PRO A 162 -3.65 18.29 7.00
C PRO A 162 -2.63 17.18 7.15
N ARG A 163 -3.15 15.97 7.30
CA ARG A 163 -2.34 14.75 7.43
C ARG A 163 -1.33 14.62 6.30
N ALA A 164 -1.79 14.90 5.09
CA ALA A 164 -0.99 14.71 3.87
C ALA A 164 0.27 15.56 3.81
N VAL A 165 0.26 16.73 4.45
CA VAL A 165 1.39 17.65 4.39
C VAL A 165 2.09 17.85 5.74
N ASP A 166 1.70 17.02 6.72
CA ASP A 166 2.17 17.10 8.10
C ASP A 166 3.53 16.41 8.27
N TRP A 167 4.55 17.17 8.64
CA TRP A 167 5.89 16.61 8.88
C TRP A 167 5.86 15.60 10.03
N ALA A 168 5.15 15.93 11.11
CA ALA A 168 5.11 15.04 12.29
C ALA A 168 4.45 13.68 11.97
N GLN A 169 3.55 13.66 10.99
CA GLN A 169 2.89 12.41 10.59
C GLN A 169 3.56 11.72 9.39
N ALA A 170 4.80 12.12 9.08
CA ALA A 170 5.54 11.62 7.91
C ALA A 170 4.69 11.65 6.61
N GLY A 171 4.09 12.80 6.34
CA GLY A 171 3.36 13.02 5.09
C GLY A 171 4.32 13.41 3.97
N GLY A 172 3.79 14.08 2.95
CA GLY A 172 4.60 14.50 1.79
C GLY A 172 4.33 13.68 0.54
N ALA A 173 4.86 14.13 -0.60
CA ALA A 173 4.60 13.50 -1.88
C ALA A 173 5.07 12.04 -1.91
N LEU A 174 6.27 11.77 -1.41
CA LEU A 174 6.86 10.43 -1.57
C LEU A 174 6.10 9.36 -0.76
N LEU A 175 5.83 9.64 0.52
CA LEU A 175 5.19 8.62 1.38
C LEU A 175 3.67 8.52 1.19
N ASP A 176 3.03 9.58 0.70
CA ASP A 176 1.60 9.53 0.38
C ASP A 176 1.33 8.96 -1.03
N LEU A 177 2.14 9.40 -2.00
CA LEU A 177 1.84 9.17 -3.42
C LEU A 177 2.96 8.46 -4.15
N GLY A 178 4.21 8.82 -3.90
CA GLY A 178 5.33 8.21 -4.65
C GLY A 178 5.43 6.72 -4.40
N ILE A 179 4.95 6.28 -3.24
CA ILE A 179 4.94 4.85 -2.92
C ILE A 179 4.22 4.03 -4.00
N TYR A 180 3.15 4.59 -4.55
CA TYR A 180 2.43 3.95 -5.66
C TYR A 180 3.24 3.94 -6.95
N CYS A 181 3.97 5.02 -7.22
CA CYS A 181 4.83 5.03 -8.39
C CYS A 181 5.98 4.03 -8.26
N VAL A 182 6.63 3.99 -7.11
CA VAL A 182 7.77 3.09 -6.92
C VAL A 182 7.32 1.62 -7.02
N GLN A 183 6.18 1.30 -6.40
CA GLN A 183 5.71 -0.10 -6.46
C GLN A 183 5.38 -0.52 -7.89
N PHE A 184 4.81 0.40 -8.68
CA PHE A 184 4.50 0.07 -10.07
C PHE A 184 5.76 -0.24 -10.88
N ILE A 185 6.74 0.65 -10.80
CA ILE A 185 7.97 0.48 -11.56
C ILE A 185 8.67 -0.83 -11.13
N SER A 186 8.69 -1.08 -9.83
CA SER A 186 9.28 -2.31 -9.29
C SER A 186 8.55 -3.55 -9.85
N MET A 187 7.22 -3.49 -9.90
CA MET A 187 6.40 -4.60 -10.38
C MET A 187 6.73 -4.90 -11.84
N VAL A 188 6.73 -3.87 -12.70
CA VAL A 188 7.00 -4.10 -14.11
C VAL A 188 8.38 -4.65 -14.40
N PHE A 189 9.33 -4.35 -13.52
CA PHE A 189 10.70 -4.83 -13.70
C PHE A 189 11.06 -5.96 -12.73
N GLY A 190 10.04 -6.74 -12.33
CA GLY A 190 10.25 -8.02 -11.62
C GLY A 190 10.81 -7.91 -10.22
N GLY A 191 10.53 -6.78 -9.54
CA GLY A 191 11.03 -6.56 -8.17
C GLY A 191 12.55 -6.45 -8.04
N GLN A 192 13.23 -6.18 -9.16
CA GLN A 192 14.68 -6.07 -9.17
C GLN A 192 15.22 -4.79 -8.51
N LYS A 193 16.39 -4.89 -7.92
CA LYS A 193 17.05 -3.78 -7.27
C LYS A 193 17.60 -2.81 -8.34
N PRO A 194 17.24 -1.50 -8.25
CA PRO A 194 17.81 -0.54 -9.20
C PRO A 194 19.34 -0.44 -9.07
N GLU A 195 19.98 -0.18 -10.20
CA GLU A 195 21.44 0.00 -10.19
C GLU A 195 21.85 1.44 -9.88
N LYS A 196 20.93 2.40 -10.09
CA LYS A 196 21.26 3.81 -9.87
C LYS A 196 19.94 4.58 -9.77
N ILE A 197 19.92 5.64 -8.97
CA ILE A 197 18.73 6.47 -8.79
C ILE A 197 19.15 7.95 -8.86
N SER A 198 18.48 8.76 -9.68
CA SER A 198 18.75 10.22 -9.75
C SER A 198 17.49 10.94 -9.36
N VAL A 199 17.59 12.02 -8.58
CA VAL A 199 16.41 12.65 -7.97
C VAL A 199 16.46 14.17 -8.15
N MET A 200 15.31 14.76 -8.46
CA MET A 200 15.18 16.23 -8.36
C MET A 200 13.86 16.49 -7.71
N GLY A 201 13.79 17.58 -6.95
CA GLY A 201 12.53 17.86 -6.28
C GLY A 201 12.68 19.05 -5.37
N ARG A 202 11.58 19.40 -4.73
CA ARG A 202 11.64 20.52 -3.79
C ARG A 202 10.77 20.23 -2.59
N ARG A 203 11.05 20.98 -1.53
CA ARG A 203 10.33 20.83 -0.28
C ARG A 203 9.08 21.68 -0.27
N HIS A 204 8.17 21.33 0.65
CA HIS A 204 6.97 22.11 0.88
C HIS A 204 7.15 22.93 2.17
N GLU A 205 6.39 24.02 2.32
CA GLU A 205 6.56 24.92 3.47
C GLU A 205 6.22 24.32 4.85
N THR A 206 5.60 23.13 4.85
CA THR A 206 5.22 22.44 6.09
C THR A 206 6.30 21.47 6.53
N GLY A 207 7.38 21.36 5.77
CA GLY A 207 8.48 20.49 6.19
C GLY A 207 8.55 19.17 5.45
N VAL A 208 7.57 18.90 4.60
CA VAL A 208 7.57 17.65 3.84
C VAL A 208 8.12 17.95 2.43
N ASP A 209 8.35 16.90 1.63
CA ASP A 209 8.60 17.08 0.18
C ASP A 209 7.33 17.46 -0.61
N ASP A 210 7.50 18.37 -1.56
CA ASP A 210 6.38 18.96 -2.31
C ASP A 210 6.19 18.23 -3.66
N THR A 211 7.25 18.18 -4.46
CA THR A 211 7.19 17.59 -5.81
C THR A 211 8.52 16.94 -6.07
N VAL A 212 8.51 15.69 -6.54
CA VAL A 212 9.76 14.94 -6.69
C VAL A 212 9.70 14.10 -7.96
N THR A 213 10.75 14.17 -8.77
CA THR A 213 10.89 13.27 -9.91
C THR A 213 12.11 12.39 -9.71
N VAL A 214 11.98 11.12 -10.07
CA VAL A 214 13.03 10.14 -9.88
C VAL A 214 13.27 9.35 -11.16
N LEU A 215 14.54 9.13 -11.47
CA LEU A 215 14.97 8.29 -12.59
C LEU A 215 15.64 7.07 -11.99
N LEU A 216 15.27 5.87 -12.42
CA LEU A 216 15.80 4.63 -11.83
C LEU A 216 16.35 3.75 -12.91
N GLN A 217 17.66 3.46 -12.83
CA GLN A 217 18.27 2.54 -13.78
C GLN A 217 18.00 1.12 -13.31
N TYR A 218 17.36 0.31 -14.15
CA TYR A 218 17.15 -1.08 -13.79
C TYR A 218 18.11 -1.99 -14.56
N PRO A 219 18.35 -3.21 -14.03
CA PRO A 219 19.21 -4.11 -14.79
C PRO A 219 18.71 -4.47 -16.18
N GLY A 220 19.63 -4.80 -17.07
CA GLY A 220 19.26 -5.21 -18.42
C GLY A 220 18.91 -4.03 -19.31
N GLU A 221 19.52 -2.88 -19.06
CA GLU A 221 19.35 -1.71 -19.94
C GLU A 221 17.91 -1.27 -20.12
N VAL A 222 17.16 -1.22 -19.03
CA VAL A 222 15.83 -0.63 -19.00
C VAL A 222 15.82 0.34 -17.83
N HIS A 223 14.91 1.30 -17.84
CA HIS A 223 14.85 2.25 -16.76
C HIS A 223 13.40 2.70 -16.55
N GLY A 224 13.14 3.32 -15.42
CA GLY A 224 11.83 3.85 -15.11
C GLY A 224 11.99 5.26 -14.58
N SER A 225 10.92 6.05 -14.64
CA SER A 225 10.89 7.35 -13.97
C SER A 225 9.51 7.57 -13.39
N PHE A 226 9.43 8.39 -12.35
CA PHE A 226 8.14 8.81 -11.85
C PHE A 226 8.18 10.23 -11.32
N THR A 227 7.00 10.87 -11.29
CA THR A 227 6.83 12.16 -10.64
C THR A 227 5.69 12.06 -9.65
N CYS A 228 5.91 12.56 -8.44
CA CYS A 228 4.80 12.66 -7.49
C CYS A 228 4.73 14.08 -6.93
N SER A 229 3.54 14.49 -6.50
CA SER A 229 3.39 15.84 -5.96
C SER A 229 2.19 15.94 -5.03
N ILE A 230 2.36 16.68 -3.95
CA ILE A 230 1.19 17.06 -3.11
C ILE A 230 0.67 18.52 -3.42
N THR A 231 1.23 19.16 -4.43
CA THR A 231 0.65 20.44 -4.91
C THR A 231 0.15 20.40 -6.34
N ALA A 232 0.88 19.71 -7.22
CA ALA A 232 0.59 19.80 -8.66
C ALA A 232 -0.18 18.60 -9.16
N GLN A 233 -1.35 18.85 -9.77
CA GLN A 233 -2.11 17.81 -10.44
C GLN A 233 -1.28 17.20 -11.58
N LEU A 234 -1.20 15.87 -11.65
CA LEU A 234 -0.51 15.22 -12.76
C LEU A 234 -1.48 14.31 -13.53
N SER A 235 -1.00 13.64 -14.59
CA SER A 235 -1.88 12.76 -15.38
C SER A 235 -2.36 11.54 -14.61
N ASN A 236 -1.59 11.14 -13.59
CA ASN A 236 -1.99 10.02 -12.70
C ASN A 236 -2.27 8.73 -13.50
N THR A 237 -1.38 8.48 -14.44
CA THR A 237 -1.38 7.26 -15.24
C THR A 237 -0.05 6.54 -15.00
N ALA A 238 0.03 5.27 -15.40
CA ALA A 238 1.28 4.51 -15.29
C ALA A 238 1.40 3.70 -16.56
N SER A 239 2.60 3.57 -17.10
CA SER A 239 2.79 2.88 -18.38
C SER A 239 4.09 2.12 -18.43
N VAL A 240 4.17 1.13 -19.32
CA VAL A 240 5.41 0.44 -19.62
C VAL A 240 5.39 0.19 -21.13
N SER A 241 6.54 0.36 -21.75
CA SER A 241 6.67 0.26 -23.20
C SER A 241 7.87 -0.60 -23.57
N GLY A 242 7.68 -1.39 -24.63
CA GLY A 242 8.75 -2.21 -25.19
C GLY A 242 8.76 -2.09 -26.72
N THR A 243 9.57 -2.90 -27.38
CA THR A 243 9.76 -2.79 -28.83
C THR A 243 8.49 -3.07 -29.65
N LYS A 244 7.47 -3.69 -29.04
CA LYS A 244 6.23 -3.98 -29.74
C LYS A 244 5.06 -3.15 -29.30
N GLY A 245 5.21 -2.34 -28.25
CA GLY A 245 4.12 -1.43 -27.91
C GLY A 245 4.08 -1.05 -26.44
N MET A 246 2.99 -0.40 -26.05
CA MET A 246 2.85 0.17 -24.72
C MET A 246 1.58 -0.35 -24.04
N ALA A 247 1.66 -0.49 -22.71
CA ALA A 247 0.48 -0.77 -21.90
C ALA A 247 0.38 0.35 -20.90
N GLN A 248 -0.84 0.80 -20.61
CA GLN A 248 -1.04 1.90 -19.66
C GLN A 248 -2.19 1.54 -18.72
N LEU A 249 -2.02 1.92 -17.45
CA LEU A 249 -3.11 1.92 -16.49
C LEU A 249 -3.62 3.34 -16.39
N LEU A 250 -4.90 3.55 -16.68
CA LEU A 250 -5.45 4.90 -16.78
C LEU A 250 -5.72 5.49 -15.40
N ASN A 251 -5.84 6.82 -15.36
CA ASN A 251 -6.20 7.53 -14.14
C ASN A 251 -7.56 6.98 -13.69
N PRO A 252 -7.70 6.57 -12.42
CA PRO A 252 -6.68 6.65 -11.33
C PRO A 252 -5.74 5.44 -11.32
N CYS A 253 -4.44 5.67 -11.59
CA CYS A 253 -3.51 4.54 -11.74
C CYS A 253 -3.31 3.73 -10.46
N TRP A 254 -3.55 4.33 -9.30
CA TRP A 254 -3.30 3.68 -8.01
C TRP A 254 -4.46 2.75 -7.57
N CYS A 255 -5.58 2.82 -8.28
CA CYS A 255 -6.73 1.93 -8.02
C CYS A 255 -7.42 1.72 -9.37
N PRO A 256 -6.69 1.12 -10.33
CA PRO A 256 -7.07 1.23 -11.73
C PRO A 256 -8.17 0.26 -12.15
N THR A 257 -9.01 0.72 -13.06
CA THR A 257 -10.08 -0.10 -13.61
C THR A 257 -9.97 -0.19 -15.14
N GLU A 258 -9.03 0.55 -15.74
CA GLU A 258 -8.87 0.53 -17.20
C GLU A 258 -7.42 0.26 -17.56
N LEU A 259 -7.21 -0.73 -18.43
CA LEU A 259 -5.90 -1.05 -18.98
C LEU A 259 -5.96 -0.85 -20.49
N VAL A 260 -4.99 -0.15 -21.05
CA VAL A 260 -4.90 -0.03 -22.50
C VAL A 260 -3.63 -0.72 -22.98
N VAL A 261 -3.76 -1.69 -23.89
CA VAL A 261 -2.60 -2.40 -24.41
C VAL A 261 -2.58 -2.26 -25.92
N LYS A 262 -1.52 -1.62 -26.43
CA LYS A 262 -1.36 -1.40 -27.86
C LYS A 262 -2.65 -0.83 -28.45
N GLY A 263 -3.22 0.15 -27.76
CA GLY A 263 -4.42 0.84 -28.24
C GLY A 263 -5.75 0.16 -27.91
N GLU A 264 -5.72 -1.09 -27.47
CA GLU A 264 -6.97 -1.79 -27.10
C GLU A 264 -7.31 -1.54 -25.61
N HIS A 265 -8.51 -1.00 -25.36
CA HIS A 265 -9.00 -0.68 -24.02
C HIS A 265 -9.71 -1.88 -23.39
N LYS A 266 -9.38 -2.17 -22.14
CA LYS A 266 -10.12 -3.15 -21.37
C LYS A 266 -10.55 -2.56 -20.02
N GLU A 267 -11.83 -2.75 -19.66
CA GLU A 267 -12.36 -2.26 -18.41
C GLU A 267 -12.57 -3.40 -17.42
N PHE A 268 -12.33 -3.13 -16.13
CA PHE A 268 -12.45 -4.13 -15.08
C PHE A 268 -13.26 -3.50 -13.98
N LEU A 269 -14.56 -3.80 -13.95
CA LEU A 269 -15.41 -3.11 -12.99
C LEU A 269 -15.04 -3.43 -11.53
N LEU A 270 -15.21 -2.44 -10.67
CA LEU A 270 -15.03 -2.62 -9.23
C LEU A 270 -16.21 -3.43 -8.69
N PRO A 271 -16.06 -4.03 -7.49
CA PRO A 271 -17.23 -4.64 -6.85
C PRO A 271 -18.27 -3.55 -6.60
N PRO A 272 -19.59 -3.90 -6.65
CA PRO A 272 -20.64 -2.89 -6.53
C PRO A 272 -20.73 -2.18 -5.16
N VAL A 273 -20.29 -2.84 -4.10
CA VAL A 273 -20.32 -2.27 -2.78
C VAL A 273 -18.95 -2.44 -2.07
N PRO A 274 -18.67 -1.63 -1.06
CA PRO A 274 -19.52 -0.52 -0.60
C PRO A 274 -19.41 0.69 -1.53
N LYS A 275 -20.35 1.60 -1.45
CA LYS A 275 -20.37 2.85 -2.19
C LYS A 275 -20.00 3.97 -1.21
N ASN A 276 -19.58 5.10 -1.73
CA ASN A 276 -19.29 6.22 -0.87
C ASN A 276 -18.21 5.96 0.18
N CYS A 277 -17.11 5.38 -0.24
CA CYS A 277 -15.98 5.19 0.66
C CYS A 277 -15.27 6.50 0.91
N ASN A 278 -14.50 6.59 1.97
CA ASN A 278 -13.70 7.74 2.18
C ASN A 278 -12.74 8.04 1.04
N PHE A 279 -12.20 7.00 0.45
CA PHE A 279 -11.19 7.12 -0.61
C PHE A 279 -11.69 6.59 -1.95
N ASP A 280 -11.20 7.23 -3.02
CA ASP A 280 -11.50 6.87 -4.42
C ASP A 280 -11.35 5.36 -4.64
N ASN A 281 -12.41 4.72 -5.17
CA ASN A 281 -12.38 3.30 -5.54
C ASN A 281 -12.08 2.38 -4.35
N GLY A 282 -12.45 2.84 -3.16
CA GLY A 282 -12.22 2.10 -1.90
C GLY A 282 -12.75 0.67 -1.89
N ALA A 283 -13.81 0.41 -2.69
CA ALA A 283 -14.35 -0.96 -2.86
C ALA A 283 -13.28 -1.93 -3.32
N GLY A 284 -12.29 -1.42 -4.07
CA GLY A 284 -11.18 -2.25 -4.55
C GLY A 284 -10.27 -2.84 -3.47
N MET A 285 -10.46 -2.46 -2.21
CA MET A 285 -9.71 -3.10 -1.11
C MET A 285 -10.10 -4.57 -0.94
N SER A 286 -11.22 -4.98 -1.56
CA SER A 286 -11.67 -6.36 -1.44
C SER A 286 -10.62 -7.30 -2.01
N TYR A 287 -9.95 -6.87 -3.07
CA TYR A 287 -9.02 -7.76 -3.75
C TYR A 287 -7.87 -8.19 -2.82
N GLU A 288 -7.27 -7.23 -2.09
CA GLU A 288 -6.18 -7.56 -1.17
C GLU A 288 -6.69 -8.38 0.04
N ALA A 289 -7.91 -8.08 0.52
CA ALA A 289 -8.50 -8.88 1.61
C ALA A 289 -8.62 -10.36 1.22
N LYS A 290 -9.13 -10.63 0.02
CA LYS A 290 -9.25 -12.00 -0.49
C LYS A 290 -7.92 -12.68 -0.70
N HIS A 291 -6.94 -11.91 -1.17
CA HIS A 291 -5.56 -12.40 -1.29
C HIS A 291 -4.97 -12.83 0.06
N VAL A 292 -5.16 -12.02 1.10
CA VAL A 292 -4.64 -12.37 2.44
C VAL A 292 -5.25 -13.71 2.93
N ARG A 293 -6.58 -13.84 2.80
CA ARG A 293 -7.23 -15.13 3.14
C ARG A 293 -6.61 -16.30 2.37
N GLU A 294 -6.51 -16.18 1.06
CA GLU A 294 -5.87 -17.23 0.25
C GLU A 294 -4.46 -17.60 0.73
N CYS A 295 -3.63 -16.58 1.03
CA CYS A 295 -2.26 -16.87 1.51
C CYS A 295 -2.28 -17.66 2.81
N LEU A 296 -3.13 -17.25 3.74
CA LEU A 296 -3.17 -17.88 5.04
C LEU A 296 -3.71 -19.31 4.96
N ARG A 297 -4.72 -19.50 4.12
CA ARG A 297 -5.27 -20.85 3.85
C ARG A 297 -4.20 -21.79 3.28
N LYS A 298 -3.29 -21.24 2.48
CA LYS A 298 -2.19 -22.02 1.91
C LYS A 298 -0.98 -22.16 2.85
N GLY A 299 -1.08 -21.60 4.05
CA GLY A 299 0.03 -21.63 5.02
C GLY A 299 1.21 -20.72 4.67
N LEU A 300 0.99 -19.71 3.84
CA LEU A 300 2.08 -18.77 3.49
C LEU A 300 2.37 -17.80 4.63
N LYS A 301 3.63 -17.37 4.73
CA LYS A 301 4.06 -16.37 5.69
C LYS A 301 4.30 -15.00 5.04
N GLU A 302 4.07 -14.93 3.74
CA GLU A 302 4.12 -13.67 3.00
C GLU A 302 3.40 -13.88 1.68
N SER A 303 3.13 -12.78 0.98
CA SER A 303 2.53 -12.82 -0.34
C SER A 303 3.59 -12.99 -1.42
N PRO A 304 3.34 -13.88 -2.40
CA PRO A 304 4.22 -13.91 -3.57
C PRO A 304 4.07 -12.67 -4.44
N VAL A 305 2.97 -11.92 -4.27
CA VAL A 305 2.71 -10.72 -5.10
C VAL A 305 3.44 -9.48 -4.53
N ILE A 306 3.53 -9.38 -3.19
CA ILE A 306 4.33 -8.34 -2.51
C ILE A 306 5.14 -9.00 -1.38
N PRO A 307 6.24 -9.66 -1.76
CA PRO A 307 7.07 -10.38 -0.79
C PRO A 307 7.74 -9.41 0.13
N LEU A 308 8.12 -9.86 1.32
CA LEU A 308 8.72 -8.97 2.29
C LEU A 308 10.05 -8.40 1.81
N VAL A 309 10.82 -9.17 1.05
CA VAL A 309 12.09 -8.62 0.52
C VAL A 309 11.81 -7.44 -0.43
N GLU A 310 10.68 -7.49 -1.14
CA GLU A 310 10.33 -6.36 -1.99
C GLU A 310 9.85 -5.16 -1.16
N SER A 311 9.04 -5.38 -0.12
CA SER A 311 8.66 -4.28 0.78
C SER A 311 9.91 -3.57 1.36
N GLU A 312 10.93 -4.37 1.72
CA GLU A 312 12.21 -3.82 2.19
C GLU A 312 12.92 -2.97 1.10
N LEU A 313 12.93 -3.48 -0.13
CA LEU A 313 13.53 -2.78 -1.26
C LEU A 313 12.78 -1.46 -1.56
N LEU A 314 11.45 -1.52 -1.58
CA LEU A 314 10.63 -0.32 -1.83
C LEU A 314 10.92 0.76 -0.79
N ALA A 315 11.04 0.34 0.47
CA ALA A 315 11.41 1.25 1.56
C ALA A 315 12.84 1.80 1.40
N ASP A 316 13.78 0.94 0.99
CA ASP A 316 15.17 1.39 0.69
C ASP A 316 15.13 2.51 -0.37
N ILE A 317 14.41 2.26 -1.45
CA ILE A 317 14.30 3.24 -2.53
C ILE A 317 13.72 4.56 -2.05
N LEU A 318 12.58 4.50 -1.38
CA LEU A 318 11.92 5.70 -0.93
C LEU A 318 12.79 6.54 -0.02
N GLU A 319 13.48 5.88 0.89
CA GLU A 319 14.35 6.55 1.79
C GLU A 319 15.51 7.23 1.10
N GLU A 320 16.15 6.47 0.20
CA GLU A 320 17.23 7.02 -0.63
C GLU A 320 16.77 8.29 -1.36
N VAL A 321 15.60 8.21 -1.99
CA VAL A 321 15.05 9.37 -2.69
C VAL A 321 14.90 10.56 -1.75
N ARG A 322 14.20 10.32 -0.63
CA ARG A 322 13.88 11.33 0.39
C ARG A 322 15.15 11.99 0.93
N ARG A 323 16.20 11.20 1.15
CA ARG A 323 17.48 11.72 1.61
C ARG A 323 18.23 12.50 0.50
N ALA A 324 18.09 12.08 -0.76
CA ALA A 324 18.68 12.80 -1.90
C ALA A 324 18.24 14.25 -1.98
N ILE A 325 17.04 14.55 -1.49
CA ILE A 325 16.59 15.94 -1.46
C ILE A 325 16.55 16.53 -0.05
N GLY A 326 17.15 15.80 0.90
CA GLY A 326 17.45 16.34 2.23
C GLY A 326 16.30 16.31 3.22
N VAL A 327 15.26 15.52 2.94
CA VAL A 327 14.11 15.43 3.83
C VAL A 327 14.34 14.30 4.84
N THR A 328 14.49 14.66 6.12
CA THR A 328 14.81 13.67 7.18
C THR A 328 13.70 13.60 8.20
N PHE A 329 13.58 12.43 8.83
CA PHE A 329 12.68 12.20 9.93
C PHE A 329 13.51 11.88 11.18
N PRO A 330 12.97 12.17 12.37
CA PRO A 330 13.64 11.75 13.61
C PRO A 330 14.04 10.26 13.58
N GLN A 331 13.18 9.42 12.96
CA GLN A 331 13.37 7.97 12.99
C GLN A 331 14.58 7.53 12.19
N ASP A 332 15.06 8.39 11.30
CA ASP A 332 16.19 8.05 10.44
C ASP A 332 17.49 7.93 11.23
#